data_7QVJ
#
_entry.id   7QVJ
#
_cell.length_a   106.900
_cell.length_b   51.790
_cell.length_c   85.510
_cell.angle_alpha   90.000
_cell.angle_beta   93.860
_cell.angle_gamma   90.000
#
_symmetry.space_group_name_H-M   'C 1 2 1'
#
loop_
_entity.id
_entity.type
_entity.pdbx_description
1 polymer 'Estrogen receptor'
2 non-polymer 2,2-bis(fluoranyl)-3-[(1~{R},3~{R})-1-[6-fluoranyl-3-[2-(3-fluoranylpropylamino)ethoxy]-2-methyl-phenyl]-3-methyl-1,3,4,9-tetrahydropyrido[3,4-b]indol-2-yl]propan-1-ol
3 water water
#
_entity_poly.entity_id   1
_entity_poly.type   'polypeptide(L)'
_entity_poly.pdbx_seq_one_letter_code
;GSHMALSLTADQMVSALLDAEPPILYSEYDPTRPFSEASMMGLLTNLADRELVHMINWAKRVPGFVDLTLHDQVHLLESA
WLEILMIGLVWRSMEHPGKLLFAPNLLLDRNQGKSVEGMVEIFDMLLATSSRFRMMNLQGEEFVCLKSIILLNSGVYTFL
SSTLKSLEEKDHIHRVLDKITDTLIHLMAKAGLTLQQQHQRLAQLLLILSHIRHMSNKGMEHLYSMKSKNVVPSYDLLLE
MLDAHRLHAPTS
;
_entity_poly.pdbx_strand_id   A,B
#
loop_
_chem_comp.id
_chem_comp.type
_chem_comp.name
_chem_comp.formula
H09 non-polymer 2,2-bis(fluoranyl)-3-[(1~{R},3~{R})-1-[6-fluoranyl-3-[2-(3-fluoranylpropylamino)ethoxy]-2-methyl-phenyl]-3-methyl-1,3,4,9-tetrahydropyrido[3,4-b]indol-2-yl]propan-1-ol 'C27 H33 F4 N3 O2'
#
# COMPACT_ATOMS: atom_id res chain seq x y z
N GLY A 1 16.16 -0.92 33.27
CA GLY A 1 16.09 0.41 32.58
C GLY A 1 15.12 0.36 31.40
N SER A 2 15.06 1.46 30.65
CA SER A 2 14.17 1.55 29.49
C SER A 2 14.86 2.22 28.30
N HIS A 3 14.87 1.53 27.15
CA HIS A 3 15.45 2.09 25.94
C HIS A 3 14.45 3.02 25.27
N MET A 4 14.91 4.21 24.88
CA MET A 4 14.11 5.06 24.01
C MET A 4 14.27 4.57 22.58
N ALA A 5 13.14 4.53 21.86
CA ALA A 5 13.05 3.92 20.52
C ALA A 5 14.13 4.42 19.53
N LEU A 6 14.36 5.73 19.56
CA LEU A 6 15.25 6.39 18.61
C LEU A 6 16.73 6.17 18.92
N SER A 7 17.05 5.65 20.11
CA SER A 7 18.45 5.37 20.45
C SER A 7 18.89 3.93 20.13
N LEU A 8 17.94 3.06 19.81
CA LEU A 8 18.26 1.65 19.48
C LEU A 8 19.19 1.50 18.29
N THR A 9 20.16 0.59 18.40
CA THR A 9 20.92 0.19 17.23
C THR A 9 20.08 -0.78 16.42
N ALA A 10 20.53 -1.02 15.19
CA ALA A 10 19.92 -1.99 14.28
C ALA A 10 19.76 -3.37 14.93
N ASP A 11 20.82 -3.88 15.56
CA ASP A 11 20.79 -5.18 16.25
C ASP A 11 19.83 -5.22 17.43
N GLN A 12 19.77 -4.12 18.20
CA GLN A 12 18.83 -3.98 19.34
C GLN A 12 17.38 -3.86 18.88
N MET A 13 17.17 -3.27 17.69
CA MET A 13 15.84 -3.18 17.10
C MET A 13 15.39 -4.58 16.70
N VAL A 14 16.24 -5.26 15.94
CA VAL A 14 16.01 -6.65 15.47
C VAL A 14 15.72 -7.57 16.66
N SER A 15 16.51 -7.45 17.73
CA SER A 15 16.35 -8.23 18.96
C SER A 15 15.06 -7.96 19.72
N ALA A 16 14.64 -6.70 19.76
CA ALA A 16 13.40 -6.32 20.42
C ALA A 16 12.18 -6.89 19.68
N LEU A 17 12.22 -6.77 18.35
CA LEU A 17 11.11 -7.24 17.50
C LEU A 17 10.98 -8.78 17.47
N LEU A 18 12.09 -9.48 17.23
CA LEU A 18 12.16 -10.94 17.43
C LEU A 18 11.61 -11.40 18.78
N ASP A 19 12.02 -10.73 19.88
CA ASP A 19 11.53 -11.08 21.23
C ASP A 19 10.03 -10.83 21.43
N ALA A 20 9.48 -9.85 20.73
CA ALA A 20 8.06 -9.51 20.80
C ALA A 20 7.10 -10.43 20.00
N GLU A 21 7.66 -11.32 19.18
CA GLU A 21 6.88 -12.16 18.27
C GLU A 21 5.82 -13.02 18.95
N PRO A 22 4.56 -12.96 18.46
CA PRO A 22 3.52 -13.82 19.03
C PRO A 22 3.76 -15.31 18.71
N PRO A 23 3.19 -16.21 19.52
CA PRO A 23 3.27 -17.63 19.22
C PRO A 23 2.35 -18.01 18.05
N ILE A 24 2.67 -19.12 17.42
CA ILE A 24 1.82 -19.75 16.40
C ILE A 24 0.67 -20.51 17.09
N LEU A 25 -0.57 -20.10 16.80
CA LEU A 25 -1.75 -20.69 17.46
C LEU A 25 -2.32 -21.83 16.64
N TYR A 26 -3.03 -22.74 17.32
CA TYR A 26 -3.70 -23.86 16.67
C TYR A 26 -5.17 -23.59 16.52
N SER A 27 -5.78 -24.18 15.48
CA SER A 27 -7.23 -24.08 15.31
C SER A 27 -7.95 -24.93 16.36
N GLU A 28 -9.10 -24.45 16.82
CA GLU A 28 -9.91 -25.13 17.84
C GLU A 28 -10.98 -25.97 17.16
N TYR A 29 -10.56 -27.10 16.61
CA TYR A 29 -11.53 -28.13 16.23
C TYR A 29 -11.03 -29.51 16.64
N ASP A 30 -11.96 -30.36 17.06
CA ASP A 30 -11.68 -31.72 17.51
C ASP A 30 -11.14 -32.55 16.33
N PRO A 31 -9.91 -33.09 16.47
CA PRO A 31 -9.27 -33.92 15.42
C PRO A 31 -9.95 -35.29 15.15
N THR A 32 -11.12 -35.48 15.77
CA THR A 32 -11.98 -36.65 15.57
C THR A 32 -13.12 -36.39 14.58
N ARG A 33 -13.39 -35.12 14.25
CA ARG A 33 -14.47 -34.74 13.33
C ARG A 33 -13.96 -34.04 12.05
N PRO A 34 -14.64 -34.32 10.94
CA PRO A 34 -14.25 -33.81 9.61
C PRO A 34 -14.32 -32.29 9.45
N GLU A 37 -17.71 -31.22 8.58
CA GLU A 37 -18.54 -31.13 9.80
C GLU A 37 -18.28 -29.86 10.66
N ALA A 38 -17.48 -28.94 10.12
CA ALA A 38 -17.17 -27.67 10.79
C ALA A 38 -17.28 -26.49 9.82
N SER A 39 -17.68 -25.34 10.35
CA SER A 39 -17.75 -24.10 9.59
C SER A 39 -16.33 -23.57 9.39
N MET A 40 -15.97 -23.33 8.12
CA MET A 40 -14.67 -22.73 7.80
C MET A 40 -14.65 -21.31 8.36
N MET A 41 -15.73 -20.57 8.13
CA MET A 41 -15.89 -19.24 8.68
C MET A 41 -15.75 -19.21 10.19
N GLY A 42 -16.36 -20.17 10.88
CA GLY A 42 -16.29 -20.28 12.34
C GLY A 42 -14.86 -20.46 12.83
N LEU A 43 -14.17 -21.43 12.22
CA LEU A 43 -12.77 -21.71 12.57
C LEU A 43 -11.84 -20.51 12.37
N LEU A 44 -11.98 -19.80 11.25
CA LEU A 44 -11.13 -18.63 10.93
C LEU A 44 -11.39 -17.42 11.83
N THR A 45 -12.64 -17.29 12.26
CA THR A 45 -13.07 -16.23 13.15
C THR A 45 -12.53 -16.51 14.54
N ASN A 46 -12.61 -17.76 14.97
CA ASN A 46 -12.11 -18.16 16.29
C ASN A 46 -10.61 -17.94 16.41
N LEU A 47 -9.89 -18.29 15.35
CA LEU A 47 -8.44 -18.15 15.31
C LEU A 47 -8.04 -16.68 15.30
N ALA A 48 -8.65 -15.91 14.41
CA ALA A 48 -8.37 -14.46 14.33
C ALA A 48 -8.55 -13.76 15.70
N ASP A 49 -9.65 -14.10 16.38
CA ASP A 49 -9.98 -13.60 17.72
C ASP A 49 -8.92 -13.89 18.77
N ARG A 50 -8.39 -15.11 18.75
CA ARG A 50 -7.32 -15.45 19.67
C ARG A 50 -6.02 -14.77 19.27
N GLU A 51 -5.79 -14.65 17.95
CA GLU A 51 -4.62 -13.89 17.45
C GLU A 51 -4.60 -12.42 17.88
N LEU A 52 -5.78 -11.81 17.94
CA LEU A 52 -5.92 -10.39 18.29
C LEU A 52 -5.45 -10.10 19.72
N VAL A 53 -5.75 -11.00 20.64
CA VAL A 53 -5.25 -10.85 22.02
C VAL A 53 -3.73 -10.76 22.05
N HIS A 54 -3.06 -11.67 21.35
CA HIS A 54 -1.59 -11.71 21.21
C HIS A 54 -1.02 -10.50 20.46
N MET A 55 -1.84 -10.01 19.51
CA MET A 55 -1.47 -8.82 18.74
C MET A 55 -1.37 -7.57 19.64
N ILE A 56 -2.25 -7.47 20.65
CA ILE A 56 -2.24 -6.33 21.59
C ILE A 56 -0.91 -6.33 22.35
N ASN A 57 -0.56 -7.52 22.89
N ASN A 57 -0.55 -7.50 22.85
CA ASN A 57 0.68 -7.69 23.63
CA ASN A 57 0.69 -7.68 23.60
C ASN A 57 1.90 -7.39 22.77
C ASN A 57 1.87 -7.30 22.73
N TRP A 58 1.87 -7.83 21.51
CA TRP A 58 2.92 -7.54 20.56
C TRP A 58 3.09 -6.03 20.25
N ALA A 59 1.96 -5.34 19.99
CA ALA A 59 2.00 -3.93 19.58
C ALA A 59 2.64 -3.07 20.68
N LYS A 60 2.33 -3.42 21.93
CA LYS A 60 2.92 -2.76 23.11
C LYS A 60 4.44 -2.88 23.23
N ARG A 61 5.00 -3.86 22.54
CA ARG A 61 6.42 -4.15 22.52
C ARG A 61 7.12 -3.62 21.25
N VAL A 62 6.36 -3.03 20.33
CA VAL A 62 6.96 -2.42 19.12
C VAL A 62 7.58 -1.10 19.56
N PRO A 63 8.91 -0.94 19.41
CA PRO A 63 9.55 0.27 19.91
C PRO A 63 8.87 1.53 19.40
N GLY A 64 8.59 2.45 20.31
CA GLY A 64 7.91 3.70 19.99
C GLY A 64 6.40 3.72 20.20
N PHE A 65 5.74 2.58 20.04
CA PHE A 65 4.28 2.46 20.15
C PHE A 65 3.70 3.03 21.46
N VAL A 66 4.24 2.64 22.61
CA VAL A 66 3.74 3.15 23.91
C VAL A 66 4.04 4.65 24.18
N ASP A 67 4.91 5.26 23.37
CA ASP A 67 5.16 6.72 23.44
C ASP A 67 3.97 7.52 22.95
N LEU A 68 3.13 6.89 22.15
CA LEU A 68 1.93 7.52 21.60
C LEU A 68 0.84 7.48 22.63
N THR A 69 -0.10 8.41 22.52
CA THR A 69 -1.29 8.43 23.38
C THR A 69 -2.13 7.17 23.17
N LEU A 70 -2.85 6.76 24.21
CA LEU A 70 -3.83 5.68 24.10
C LEU A 70 -4.73 5.83 22.88
N HIS A 71 -5.27 7.04 22.68
CA HIS A 71 -6.10 7.39 21.52
C HIS A 71 -5.44 7.01 20.19
N ASP A 72 -4.18 7.44 20.03
CA ASP A 72 -3.36 7.20 18.82
C ASP A 72 -2.99 5.73 18.65
N GLN A 73 -2.76 5.04 19.76
CA GLN A 73 -2.45 3.62 19.72
C GLN A 73 -3.61 2.83 19.16
N VAL A 74 -4.81 3.16 19.59
CA VAL A 74 -6.02 2.48 19.17
C VAL A 74 -6.30 2.77 17.68
N HIS A 75 -6.14 4.02 17.27
CA HIS A 75 -6.28 4.40 15.85
C HIS A 75 -5.40 3.54 14.93
N LEU A 76 -4.14 3.37 15.32
CA LEU A 76 -3.17 2.58 14.56
C LEU A 76 -3.58 1.12 14.48
N LEU A 77 -3.99 0.55 15.61
CA LEU A 77 -4.38 -0.84 15.63
C LEU A 77 -5.66 -1.07 14.82
N GLU A 78 -6.63 -0.16 14.97
CA GLU A 78 -7.89 -0.25 14.22
C GLU A 78 -7.67 -0.27 12.71
N SER A 79 -6.69 0.51 12.24
CA SER A 79 -6.35 0.60 10.80
C SER A 79 -5.55 -0.60 10.33
N ALA A 80 -4.73 -1.17 11.22
CA ALA A 80 -3.72 -2.15 10.84
C ALA A 80 -4.00 -3.63 11.12
N TRP A 81 -5.01 -3.92 11.96
CA TRP A 81 -5.12 -5.27 12.54
C TRP A 81 -5.27 -6.36 11.46
N LEU A 82 -6.04 -6.09 10.39
CA LEU A 82 -6.18 -7.12 9.36
C LEU A 82 -4.91 -7.30 8.52
N GLU A 83 -4.27 -6.18 8.16
CA GLU A 83 -2.98 -6.27 7.45
C GLU A 83 -1.99 -7.08 8.27
N ILE A 84 -1.99 -6.88 9.59
CA ILE A 84 -1.06 -7.62 10.49
C ILE A 84 -1.37 -9.15 10.54
N LEU A 85 -2.64 -9.50 10.65
CA LEU A 85 -3.06 -10.91 10.57
C LEU A 85 -2.66 -11.48 9.21
N MET A 86 -2.91 -10.71 8.14
CA MET A 86 -2.55 -11.15 6.78
C MET A 86 -1.07 -11.34 6.53
N ILE A 87 -0.23 -10.38 6.93
CA ILE A 87 1.23 -10.58 6.76
C ILE A 87 1.77 -11.79 7.53
N GLY A 88 1.26 -12.01 8.75
CA GLY A 88 1.63 -13.19 9.53
C GLY A 88 1.25 -14.48 8.80
N LEU A 89 0.06 -14.49 8.22
CA LEU A 89 -0.41 -15.65 7.46
C LEU A 89 0.46 -15.96 6.26
N VAL A 90 0.73 -14.94 5.43
CA VAL A 90 1.54 -15.18 4.23
C VAL A 90 2.98 -15.54 4.58
N TRP A 91 3.49 -14.99 5.68
CA TRP A 91 4.82 -15.39 6.21
C TRP A 91 4.92 -16.91 6.48
N ARG A 92 3.98 -17.42 7.26
CA ARG A 92 4.07 -18.83 7.64
C ARG A 92 3.65 -19.80 6.53
N SER A 93 2.97 -19.25 5.51
CA SER A 93 2.58 -20.02 4.34
C SER A 93 3.64 -20.10 3.24
N MET A 94 4.74 -19.35 3.41
CA MET A 94 5.80 -19.32 2.40
C MET A 94 6.28 -20.69 1.92
N GLU A 95 6.46 -21.60 2.86
CA GLU A 95 7.00 -22.93 2.54
C GLU A 95 5.94 -23.91 2.05
N HIS A 96 4.70 -23.44 1.85
CA HIS A 96 3.57 -24.28 1.39
C HIS A 96 2.94 -23.75 0.10
N PRO A 97 3.66 -23.89 -1.04
CA PRO A 97 3.15 -23.43 -2.35
C PRO A 97 1.69 -23.84 -2.59
N GLY A 98 0.89 -22.85 -2.98
CA GLY A 98 -0.55 -23.04 -3.26
C GLY A 98 -1.47 -23.29 -2.08
N LYS A 99 -0.97 -23.13 -0.85
CA LYS A 99 -1.80 -23.32 0.37
C LYS A 99 -1.59 -22.21 1.39
N LEU A 100 -2.59 -22.00 2.24
CA LEU A 100 -2.48 -21.01 3.32
C LEU A 100 -2.47 -21.75 4.65
N LEU A 101 -1.40 -21.54 5.40
CA LEU A 101 -1.22 -22.18 6.70
C LEU A 101 -1.84 -21.30 7.78
N PHE A 102 -3.15 -21.40 7.94
CA PHE A 102 -3.85 -20.65 8.97
C PHE A 102 -3.37 -21.10 10.34
N ALA A 103 -3.23 -22.40 10.48
CA ALA A 103 -2.72 -23.00 11.70
C ALA A 103 -2.03 -24.30 11.30
N PRO A 104 -1.09 -24.83 12.13
CA PRO A 104 -0.41 -26.08 11.71
C PRO A 104 -1.38 -27.25 11.47
N ASN A 105 -2.59 -27.13 11.99
CA ASN A 105 -3.67 -28.09 11.81
C ASN A 105 -4.82 -27.50 10.99
N LEU A 106 -4.52 -26.47 10.20
CA LEU A 106 -5.51 -25.82 9.35
C LEU A 106 -4.80 -25.26 8.12
N LEU A 107 -4.42 -26.16 7.24
CA LEU A 107 -3.76 -25.83 5.97
C LEU A 107 -4.79 -25.96 4.82
N LEU A 108 -5.08 -24.86 4.15
CA LEU A 108 -6.15 -24.79 3.16
C LEU A 108 -5.68 -24.42 1.77
N ASP A 109 -6.23 -25.11 0.76
CA ASP A 109 -5.96 -24.75 -0.65
C ASP A 109 -7.06 -23.86 -1.23
N ARG A 110 -6.84 -23.45 -2.48
CA ARG A 110 -7.80 -22.68 -3.29
C ARG A 110 -9.22 -23.26 -3.29
N ASN A 111 -9.33 -24.55 -3.60
CA ASN A 111 -10.62 -25.24 -3.76
C ASN A 111 -11.43 -25.24 -2.47
N GLN A 112 -10.75 -25.41 -1.32
CA GLN A 112 -11.34 -25.28 0.00
C GLN A 112 -11.83 -23.87 0.34
N GLY A 113 -11.18 -22.86 -0.24
CA GLY A 113 -11.57 -21.45 -0.10
C GLY A 113 -12.91 -21.15 -0.74
N LYS A 114 -13.21 -21.86 -1.83
CA LYS A 114 -14.46 -21.67 -2.56
C LYS A 114 -15.67 -21.97 -1.69
N SER A 115 -15.44 -22.65 -0.58
CA SER A 115 -16.51 -23.00 0.34
C SER A 115 -17.30 -21.75 0.76
N VAL A 116 -16.58 -20.71 1.19
CA VAL A 116 -17.21 -19.47 1.60
C VAL A 116 -17.26 -18.50 0.43
N GLU A 117 -18.40 -17.85 0.23
CA GLU A 117 -18.56 -16.92 -0.87
C GLU A 117 -17.70 -15.67 -0.69
N GLY A 118 -17.16 -15.17 -1.80
CA GLY A 118 -16.32 -13.99 -1.79
C GLY A 118 -14.96 -14.21 -1.16
N MET A 119 -14.72 -15.42 -0.68
CA MET A 119 -13.46 -15.76 -0.04
C MET A 119 -12.32 -16.12 -1.00
N VAL A 120 -12.66 -16.49 -2.24
CA VAL A 120 -11.69 -17.02 -3.20
C VAL A 120 -10.75 -15.97 -3.80
N GLU A 121 -11.27 -14.75 -4.07
CA GLU A 121 -10.46 -13.63 -4.56
C GLU A 121 -9.38 -13.26 -3.53
N ILE A 122 -9.77 -13.24 -2.26
CA ILE A 122 -8.88 -12.92 -1.14
C ILE A 122 -7.81 -14.02 -0.94
N PHE A 123 -8.19 -15.30 -1.00
CA PHE A 123 -7.23 -16.43 -0.93
C PHE A 123 -6.15 -16.30 -2.03
N ASP A 124 -6.57 -16.01 -3.26
CA ASP A 124 -5.66 -15.89 -4.40
C ASP A 124 -4.67 -14.76 -4.20
N MET A 125 -5.15 -13.64 -3.67
CA MET A 125 -4.26 -12.52 -3.41
C MET A 125 -3.28 -12.87 -2.31
N LEU A 126 -3.75 -13.61 -1.29
CA LEU A 126 -2.83 -14.02 -0.22
C LEU A 126 -1.79 -14.99 -0.72
N LEU A 127 -2.20 -15.93 -1.57
CA LEU A 127 -1.27 -16.89 -2.17
C LEU A 127 -0.18 -16.24 -3.02
N ALA A 128 -0.57 -15.22 -3.78
CA ALA A 128 0.37 -14.46 -4.62
C ALA A 128 1.39 -13.70 -3.77
N THR A 129 0.97 -13.25 -2.59
CA THR A 129 1.87 -12.54 -1.68
C THR A 129 2.85 -13.51 -1.08
N SER A 130 2.33 -14.65 -0.63
CA SER A 130 3.16 -15.71 -0.06
C SER A 130 4.22 -16.17 -1.07
N SER A 131 3.81 -16.33 -2.34
CA SER A 131 4.73 -16.78 -3.38
C SER A 131 5.81 -15.71 -3.74
N ARG A 132 5.39 -14.45 -3.79
CA ARG A 132 6.33 -13.32 -3.97
C ARG A 132 7.37 -13.27 -2.83
N PHE A 133 6.91 -13.42 -1.59
CA PHE A 133 7.81 -13.48 -0.44
C PHE A 133 8.78 -14.67 -0.50
N ARG A 134 8.29 -15.82 -0.97
CA ARG A 134 9.16 -16.99 -1.13
C ARG A 134 10.23 -16.77 -2.23
N MET A 135 9.80 -16.22 -3.36
CA MET A 135 10.68 -15.82 -4.48
C MET A 135 11.75 -14.80 -4.09
N MET A 136 11.42 -13.92 -3.14
CA MET A 136 12.40 -12.95 -2.62
C MET A 136 13.25 -13.47 -1.47
N ASN A 137 13.04 -14.73 -1.08
CA ASN A 137 13.61 -15.33 0.16
C ASN A 137 13.54 -14.38 1.35
N LEU A 138 12.32 -13.93 1.68
CA LEU A 138 12.07 -13.09 2.85
C LEU A 138 12.59 -13.77 4.12
N GLN A 139 13.39 -13.02 4.89
CA GLN A 139 13.95 -13.50 6.16
C GLN A 139 13.11 -13.06 7.35
N GLY A 140 13.14 -13.85 8.43
CA GLY A 140 12.43 -13.56 9.68
C GLY A 140 12.72 -12.19 10.27
N GLU A 141 13.99 -11.78 10.19
CA GLU A 141 14.45 -10.45 10.61
C GLU A 141 13.80 -9.32 9.80
N GLU A 142 13.64 -9.54 8.50
CA GLU A 142 12.99 -8.59 7.61
C GLU A 142 11.50 -8.57 7.89
N PHE A 143 10.90 -9.75 8.04
CA PHE A 143 9.47 -9.88 8.35
C PHE A 143 9.03 -9.08 9.58
N VAL A 144 9.79 -9.19 10.67
CA VAL A 144 9.40 -8.46 11.89
C VAL A 144 9.43 -6.92 11.68
N CYS A 145 10.40 -6.46 10.91
CA CYS A 145 10.49 -5.04 10.56
C CYS A 145 9.30 -4.60 9.72
N LEU A 146 8.91 -5.43 8.75
CA LEU A 146 7.75 -5.08 7.88
C LEU A 146 6.46 -5.03 8.66
N LYS A 147 6.27 -5.97 9.57
CA LYS A 147 5.09 -5.99 10.37
C LYS A 147 4.97 -4.74 11.26
N SER A 148 6.09 -4.29 11.83
CA SER A 148 6.14 -3.07 12.61
C SER A 148 5.84 -1.81 11.79
N ILE A 149 6.37 -1.80 10.58
CA ILE A 149 6.08 -0.72 9.59
C ILE A 149 4.59 -0.65 9.30
N ILE A 150 3.94 -1.80 9.08
CA ILE A 150 2.45 -1.83 8.92
C ILE A 150 1.72 -1.17 10.09
N LEU A 151 2.05 -1.58 11.32
CA LEU A 151 1.47 -0.97 12.50
C LEU A 151 1.63 0.55 12.56
N LEU A 152 2.83 1.04 12.30
CA LEU A 152 3.11 2.45 12.49
C LEU A 152 2.65 3.33 11.32
N ASN A 153 2.56 2.76 10.13
CA ASN A 153 2.20 3.53 8.93
C ASN A 153 0.75 3.47 8.45
N SER A 154 0.07 2.36 8.70
CA SER A 154 -1.30 2.19 8.22
C SER A 154 -2.29 3.31 8.53
N GLY A 155 -2.26 3.83 9.76
CA GLY A 155 -3.18 4.88 10.13
C GLY A 155 -2.59 6.24 10.41
N VAL A 156 -1.38 6.51 9.93
CA VAL A 156 -0.75 7.79 10.18
C VAL A 156 -1.35 8.96 9.39
N TYR A 157 -1.84 8.70 8.17
CA TYR A 157 -2.40 9.75 7.32
C TYR A 157 -3.89 9.97 7.52
N THR A 158 -4.54 9.03 8.20
CA THR A 158 -5.97 9.14 8.49
C THR A 158 -6.22 9.65 9.91
N PHE A 159 -5.22 10.34 10.48
CA PHE A 159 -5.35 11.01 11.78
C PHE A 159 -6.18 12.29 11.71
N SER A 166 0.51 17.62 18.41
CA SER A 166 0.01 16.48 17.65
C SER A 166 0.59 16.38 16.22
N LEU A 167 1.38 17.39 15.83
CA LEU A 167 2.20 17.34 14.61
C LEU A 167 3.62 16.92 14.96
N GLU A 168 4.11 17.35 16.13
CA GLU A 168 5.38 16.90 16.69
C GLU A 168 5.34 15.40 17.06
N GLU A 169 4.15 14.94 17.44
CA GLU A 169 3.88 13.51 17.68
C GLU A 169 3.98 12.70 16.37
N LYS A 170 3.59 13.32 15.26
CA LYS A 170 3.67 12.68 13.93
C LYS A 170 5.12 12.57 13.45
N ASP A 171 5.94 13.56 13.79
CA ASP A 171 7.37 13.49 13.49
C ASP A 171 7.98 12.29 14.20
N HIS A 172 7.49 11.99 15.40
CA HIS A 172 8.03 10.89 16.19
C HIS A 172 7.73 9.56 15.49
N ILE A 173 6.50 9.38 15.03
CA ILE A 173 6.12 8.17 14.27
C ILE A 173 6.99 8.08 13.03
N HIS A 174 7.17 9.21 12.36
N HIS A 174 7.20 9.23 12.39
CA HIS A 174 8.01 9.26 11.18
CA HIS A 174 8.02 9.35 11.19
C HIS A 174 9.48 8.97 11.49
C HIS A 174 9.46 8.96 11.52
N ARG A 175 9.98 9.47 12.63
CA ARG A 175 11.36 9.12 13.06
C ARG A 175 11.53 7.65 13.45
N VAL A 176 10.51 7.04 14.08
CA VAL A 176 10.55 5.60 14.38
C VAL A 176 10.50 4.74 13.10
N LEU A 177 9.64 5.12 12.15
CA LEU A 177 9.69 4.50 10.82
C LEU A 177 11.04 4.59 10.15
N ASP A 178 11.71 5.75 10.21
CA ASP A 178 13.08 5.89 9.67
C ASP A 178 14.05 4.92 10.35
N LYS A 179 13.90 4.72 11.66
CA LYS A 179 14.73 3.77 12.41
C LYS A 179 14.55 2.31 11.93
N ILE A 180 13.30 1.93 11.71
CA ILE A 180 12.98 0.59 11.17
C ILE A 180 13.56 0.43 9.76
N THR A 181 13.46 1.46 8.92
CA THR A 181 14.12 1.47 7.60
C THR A 181 15.63 1.24 7.73
N ASP A 182 16.27 2.00 8.64
CA ASP A 182 17.70 1.86 8.93
C ASP A 182 18.06 0.40 9.27
N THR A 183 17.20 -0.23 10.06
CA THR A 183 17.33 -1.63 10.51
C THR A 183 17.24 -2.62 9.33
N LEU A 184 16.26 -2.41 8.45
CA LEU A 184 16.15 -3.21 7.23
C LEU A 184 17.38 -3.10 6.33
N ILE A 185 17.88 -1.87 6.17
CA ILE A 185 19.05 -1.63 5.33
C ILE A 185 20.28 -2.32 5.92
N HIS A 186 20.43 -2.23 7.24
CA HIS A 186 21.54 -2.86 7.96
C HIS A 186 21.52 -4.39 7.80
N LEU A 187 20.34 -4.99 7.91
CA LEU A 187 20.18 -6.43 7.66
C LEU A 187 20.62 -6.80 6.24
N MET A 188 20.26 -5.97 5.26
CA MET A 188 20.58 -6.25 3.86
C MET A 188 22.06 -6.05 3.54
N ALA A 189 22.72 -5.14 4.27
CA ALA A 189 24.15 -4.88 4.07
C ALA A 189 24.99 -6.01 4.65
N LYS A 190 24.57 -6.51 5.81
CA LYS A 190 25.19 -7.65 6.47
C LYS A 190 25.00 -8.93 5.67
N ALA A 191 23.89 -9.00 4.94
CA ALA A 191 23.60 -10.12 4.05
C ALA A 191 24.44 -10.08 2.77
N GLY A 192 25.12 -8.96 2.54
CA GLY A 192 26.06 -8.83 1.41
C GLY A 192 25.48 -8.33 0.11
N LEU A 193 24.48 -7.47 0.22
CA LEU A 193 23.86 -6.86 -0.94
C LEU A 193 24.55 -5.52 -1.12
N THR A 194 24.62 -5.05 -2.35
CA THR A 194 25.22 -3.75 -2.62
C THR A 194 24.21 -2.63 -2.41
N LEU A 195 24.68 -1.39 -2.54
CA LEU A 195 23.82 -0.24 -2.37
C LEU A 195 22.56 -0.29 -3.21
N GLN A 196 22.72 -0.38 -4.53
CA GLN A 196 21.59 -0.44 -5.45
C GLN A 196 20.70 -1.62 -5.12
N GLN A 197 21.31 -2.72 -4.71
CA GLN A 197 20.61 -3.94 -4.32
C GLN A 197 19.84 -3.77 -3.02
N GLN A 198 20.43 -3.06 -2.05
CA GLN A 198 19.76 -2.67 -0.81
C GLN A 198 18.53 -1.82 -1.08
N HIS A 199 18.68 -0.79 -1.93
CA HIS A 199 17.58 0.09 -2.35
C HIS A 199 16.49 -0.61 -3.14
N GLN A 200 16.89 -1.50 -4.04
CA GLN A 200 15.91 -2.20 -4.87
C GLN A 200 15.09 -3.13 -4.02
N ARG A 201 15.74 -3.80 -3.07
CA ARG A 201 15.06 -4.78 -2.20
C ARG A 201 14.12 -4.06 -1.23
N LEU A 202 14.59 -2.96 -0.64
CA LEU A 202 13.76 -2.12 0.20
C LEU A 202 12.49 -1.69 -0.56
N ALA A 203 12.67 -1.17 -1.77
CA ALA A 203 11.56 -0.78 -2.63
C ALA A 203 10.56 -1.91 -2.86
N GLN A 204 11.08 -3.09 -3.20
CA GLN A 204 10.26 -4.25 -3.50
C GLN A 204 9.38 -4.63 -2.30
N LEU A 205 9.99 -4.68 -1.11
CA LEU A 205 9.26 -4.98 0.13
C LEU A 205 8.21 -3.93 0.49
N LEU A 206 8.54 -2.65 0.31
CA LEU A 206 7.58 -1.59 0.61
C LEU A 206 6.41 -1.55 -0.37
N LEU A 207 6.71 -1.87 -1.61
CA LEU A 207 5.65 -2.00 -2.61
C LEU A 207 4.69 -3.16 -2.34
N ILE A 208 5.20 -4.26 -1.77
CA ILE A 208 4.33 -5.37 -1.38
C ILE A 208 3.36 -4.91 -0.28
N LEU A 209 3.82 -4.01 0.58
CA LEU A 209 2.93 -3.45 1.60
C LEU A 209 1.69 -2.75 1.06
N SER A 210 1.76 -2.11 -0.12
N SER A 210 1.80 -2.19 -0.07
CA SER A 210 0.58 -1.52 -0.74
CA SER A 210 0.62 -1.59 -0.69
C SER A 210 -0.41 -2.60 -1.21
C SER A 210 -0.36 -2.68 -1.16
N HIS A 211 0.12 -3.76 -1.61
CA HIS A 211 -0.72 -4.90 -1.98
C HIS A 211 -1.39 -5.47 -0.73
N ILE A 212 -0.66 -5.48 0.40
CA ILE A 212 -1.24 -5.95 1.66
C ILE A 212 -2.38 -5.02 2.09
N ARG A 213 -2.20 -3.70 1.90
CA ARG A 213 -3.24 -2.74 2.20
C ARG A 213 -4.50 -3.04 1.39
N HIS A 214 -4.29 -3.22 0.07
CA HIS A 214 -5.35 -3.57 -0.85
C HIS A 214 -6.13 -4.81 -0.38
N MET A 215 -5.41 -5.84 0.04
CA MET A 215 -6.02 -7.10 0.53
C MET A 215 -6.87 -6.88 1.78
N SER A 216 -6.33 -6.08 2.70
CA SER A 216 -7.06 -5.70 3.89
C SER A 216 -8.33 -4.93 3.55
N ASN A 217 -8.24 -3.97 2.62
CA ASN A 217 -9.44 -3.24 2.20
C ASN A 217 -10.52 -4.20 1.64
N LYS A 218 -10.10 -5.15 0.81
CA LYS A 218 -11.02 -6.10 0.24
C LYS A 218 -11.57 -7.04 1.29
N GLY A 219 -10.71 -7.42 2.23
CA GLY A 219 -11.07 -8.22 3.40
C GLY A 219 -12.15 -7.55 4.22
N MET A 220 -11.96 -6.27 4.53
CA MET A 220 -12.90 -5.45 5.32
C MET A 220 -14.25 -5.33 4.63
N GLU A 221 -14.25 -4.96 3.33
CA GLU A 221 -15.49 -4.99 2.51
C GLU A 221 -16.23 -6.32 2.68
N HIS A 222 -15.52 -7.42 2.54
CA HIS A 222 -16.07 -8.76 2.65
C HIS A 222 -16.62 -9.09 4.05
N LEU A 223 -15.90 -8.67 5.09
CA LEU A 223 -16.35 -8.88 6.47
C LEU A 223 -17.60 -8.05 6.79
N TYR A 224 -17.64 -6.81 6.29
CA TYR A 224 -18.75 -5.88 6.54
C TYR A 224 -20.03 -6.25 5.75
N SER A 225 -19.90 -7.18 4.80
CA SER A 225 -21.00 -7.56 3.92
C SER A 225 -21.87 -8.70 4.48
N MET A 226 -21.38 -9.34 5.54
CA MET A 226 -22.02 -10.52 6.13
C MET A 226 -23.26 -10.23 6.97
N VAL A 231 -17.88 -9.21 13.87
CA VAL A 231 -16.66 -9.84 13.37
C VAL A 231 -15.50 -8.84 13.33
N VAL A 232 -15.78 -7.64 12.84
CA VAL A 232 -14.76 -6.61 12.76
C VAL A 232 -14.66 -5.86 14.08
N PRO A 233 -13.44 -5.78 14.64
CA PRO A 233 -13.22 -5.07 15.90
C PRO A 233 -13.33 -3.57 15.71
N SER A 234 -14.08 -2.90 16.57
CA SER A 234 -14.28 -1.47 16.47
C SER A 234 -13.28 -0.70 17.31
N TYR A 235 -13.19 0.60 17.07
CA TYR A 235 -12.31 1.48 17.86
C TYR A 235 -12.50 1.18 19.36
N ASP A 236 -13.75 1.07 19.78
CA ASP A 236 -14.11 0.87 21.18
C ASP A 236 -13.67 -0.47 21.76
N LEU A 237 -13.83 -1.54 20.99
CA LEU A 237 -13.37 -2.88 21.40
C LEU A 237 -11.84 -2.92 21.51
N LEU A 238 -11.15 -2.31 20.54
CA LEU A 238 -9.69 -2.26 20.60
C LEU A 238 -9.19 -1.40 21.75
N LEU A 239 -9.91 -0.31 22.04
CA LEU A 239 -9.58 0.55 23.15
C LEU A 239 -9.68 -0.23 24.46
N GLU A 240 -10.81 -0.94 24.61
CA GLU A 240 -11.08 -1.81 25.75
C GLU A 240 -9.98 -2.88 25.91
N MET A 241 -9.53 -3.45 24.79
CA MET A 241 -8.46 -4.49 24.84
C MET A 241 -7.09 -3.95 25.19
N LEU A 242 -6.77 -2.78 24.64
CA LEU A 242 -5.53 -2.10 24.96
C LEU A 242 -5.47 -1.69 26.43
N ASP A 243 -6.61 -1.26 26.96
CA ASP A 243 -6.69 -0.80 28.35
C ASP A 243 -6.64 -1.98 29.31
N ALA A 244 -7.38 -3.05 29.00
CA ALA A 244 -7.37 -4.31 29.77
C ALA A 244 -5.99 -4.97 29.90
N HIS A 245 -5.11 -4.71 28.93
CA HIS A 245 -3.73 -5.24 28.93
C HIS A 245 -2.96 -4.78 30.17
N ARG A 246 -3.29 -3.58 30.67
CA ARG A 246 -2.63 -3.03 31.85
C ARG A 246 -2.94 -3.84 33.12
N LEU A 247 -3.98 -4.66 33.05
CA LEU A 247 -4.40 -5.49 34.18
C LEU A 247 -3.83 -6.90 34.10
N HIS A 248 -3.08 -7.19 33.03
CA HIS A 248 -2.43 -8.49 32.89
C HIS A 248 -1.21 -8.61 33.81
N ALA A 249 -1.00 -9.82 34.33
CA ALA A 249 0.20 -10.15 35.11
C ALA A 249 1.48 -10.02 34.29
N PRO A 250 2.58 -9.51 34.89
CA PRO A 250 3.89 -9.47 34.23
C PRO A 250 4.45 -10.88 34.00
N HIS B 3 11.98 -4.62 -26.13
CA HIS B 3 12.49 -3.57 -27.01
C HIS B 3 13.73 -2.90 -26.42
N MET B 4 13.61 -1.63 -26.05
CA MET B 4 14.74 -0.90 -25.49
C MET B 4 14.34 0.28 -24.61
N ALA B 5 13.99 -0.01 -23.37
CA ALA B 5 13.59 1.00 -22.40
C ALA B 5 14.46 0.91 -21.16
N LEU B 6 15.12 -0.23 -21.00
CA LEU B 6 16.01 -0.46 -19.86
C LEU B 6 17.44 -0.03 -20.15
N SER B 7 17.68 0.53 -21.33
CA SER B 7 19.00 0.99 -21.73
C SER B 7 19.17 2.48 -21.42
N LEU B 8 18.09 3.13 -21.04
CA LEU B 8 18.13 4.56 -20.72
C LEU B 8 18.87 4.85 -19.44
N THR B 9 19.33 6.09 -19.32
CA THR B 9 20.01 6.55 -18.12
C THR B 9 18.97 7.20 -17.22
N ALA B 10 19.30 7.41 -15.96
CA ALA B 10 18.39 8.03 -15.01
C ALA B 10 17.91 9.39 -15.53
N ASP B 11 18.84 10.16 -16.06
CA ASP B 11 18.57 11.50 -16.60
C ASP B 11 17.64 11.43 -17.82
N GLN B 12 17.87 10.44 -18.68
CA GLN B 12 16.98 10.16 -19.81
C GLN B 12 15.65 9.58 -19.37
N MET B 13 15.67 8.82 -18.27
CA MET B 13 14.45 8.28 -17.66
C MET B 13 13.59 9.44 -17.17
N VAL B 14 14.18 10.31 -16.35
CA VAL B 14 13.50 11.54 -15.90
C VAL B 14 12.97 12.39 -17.06
N SER B 15 13.82 12.63 -18.07
CA SER B 15 13.44 13.48 -19.21
C SER B 15 12.25 12.91 -19.96
N ALA B 16 12.29 11.61 -20.24
CA ALA B 16 11.20 10.90 -20.86
C ALA B 16 9.93 10.96 -20.02
N LEU B 17 10.06 10.77 -18.71
CA LEU B 17 8.92 10.85 -17.81
C LEU B 17 8.31 12.26 -17.75
N LEU B 18 9.16 13.27 -17.62
CA LEU B 18 8.75 14.67 -17.59
C LEU B 18 8.07 15.09 -18.91
N ASP B 19 8.61 14.63 -20.04
CA ASP B 19 8.05 14.92 -21.38
C ASP B 19 6.73 14.24 -21.64
N ALA B 20 6.56 13.06 -21.04
CA ALA B 20 5.32 12.28 -21.11
C ALA B 20 4.15 12.87 -20.32
N GLU B 21 4.43 13.85 -19.46
CA GLU B 21 3.43 14.44 -18.56
C GLU B 21 2.19 14.96 -19.26
N PRO B 22 1.00 14.59 -18.76
CA PRO B 22 -0.24 15.08 -19.38
C PRO B 22 -0.44 16.58 -19.16
N PRO B 23 -1.25 17.24 -20.02
CA PRO B 23 -1.57 18.66 -19.79
C PRO B 23 -2.49 18.87 -18.60
N ILE B 24 -2.47 20.08 -18.04
CA ILE B 24 -3.41 20.44 -16.97
C ILE B 24 -4.72 20.86 -17.60
N LEU B 25 -5.81 20.22 -17.19
CA LEU B 25 -7.10 20.41 -17.83
C LEU B 25 -8.03 21.31 -17.04
N TYR B 26 -8.88 22.05 -17.74
CA TYR B 26 -9.87 22.91 -17.07
C TYR B 26 -11.19 22.22 -16.90
N SER B 27 -11.86 22.56 -15.80
CA SER B 27 -13.26 22.19 -15.60
C SER B 27 -14.13 22.92 -16.64
N GLU B 28 -15.28 22.35 -16.97
CA GLU B 28 -16.24 23.00 -17.89
C GLU B 28 -16.55 24.43 -17.41
N TYR B 29 -16.40 25.41 -18.29
CA TYR B 29 -16.72 26.79 -17.92
C TYR B 29 -18.08 26.79 -17.20
N ASP B 30 -18.46 27.92 -16.59
CA ASP B 30 -19.69 28.14 -15.83
C ASP B 30 -19.74 27.26 -14.58
N PRO B 34 -21.41 29.04 -7.24
CA PRO B 34 -22.40 28.51 -6.31
C PRO B 34 -22.79 27.13 -6.81
N PHE B 35 -22.03 26.13 -6.39
CA PHE B 35 -22.20 24.74 -6.80
C PHE B 35 -23.16 23.94 -5.93
N SER B 36 -23.86 23.01 -6.57
CA SER B 36 -24.77 22.08 -5.90
C SER B 36 -24.11 20.70 -5.90
N GLU B 37 -24.85 19.69 -5.46
CA GLU B 37 -24.29 18.35 -5.44
C GLU B 37 -24.16 17.77 -6.84
N ALA B 38 -25.28 17.76 -7.57
CA ALA B 38 -25.29 17.22 -8.93
C ALA B 38 -24.35 17.99 -9.84
N SER B 39 -24.27 19.30 -9.62
CA SER B 39 -23.39 20.17 -10.38
C SER B 39 -21.91 19.81 -10.19
N MET B 40 -21.50 19.72 -8.91
CA MET B 40 -20.14 19.33 -8.55
C MET B 40 -19.75 17.91 -9.01
N MET B 41 -20.62 16.91 -8.82
CA MET B 41 -20.38 15.55 -9.32
C MET B 41 -20.28 15.51 -10.86
N GLY B 42 -21.08 16.32 -11.52
CA GLY B 42 -21.05 16.44 -12.97
C GLY B 42 -19.72 16.95 -13.50
N LEU B 43 -19.20 18.02 -12.87
CA LEU B 43 -17.90 18.60 -13.24
C LEU B 43 -16.73 17.66 -12.95
N LEU B 44 -16.81 16.94 -11.84
CA LEU B 44 -15.75 16.01 -11.41
C LEU B 44 -15.70 14.77 -12.28
N THR B 45 -16.88 14.28 -12.67
CA THR B 45 -17.00 13.15 -13.60
C THR B 45 -16.50 13.50 -15.01
N ASN B 46 -16.89 14.68 -15.49
CA ASN B 46 -16.47 15.14 -16.82
C ASN B 46 -14.95 15.37 -16.90
N LEU B 47 -14.37 15.94 -15.84
CA LEU B 47 -12.94 16.17 -15.76
C LEU B 47 -12.18 14.85 -15.72
N ALA B 48 -12.63 13.91 -14.89
CA ALA B 48 -11.99 12.61 -14.78
C ALA B 48 -12.01 11.89 -16.13
N ASP B 49 -13.14 11.96 -16.81
CA ASP B 49 -13.29 11.32 -18.11
C ASP B 49 -12.29 11.89 -19.12
N ARG B 50 -12.13 13.21 -19.10
CA ARG B 50 -11.21 13.85 -20.01
C ARG B 50 -9.77 13.55 -19.64
N GLU B 51 -9.47 13.46 -18.35
CA GLU B 51 -8.11 13.12 -17.93
C GLU B 51 -7.72 11.69 -18.35
N LEU B 52 -8.71 10.81 -18.44
CA LEU B 52 -8.43 9.40 -18.74
C LEU B 52 -7.84 9.21 -20.15
N VAL B 53 -8.37 9.95 -21.12
CA VAL B 53 -7.78 9.94 -22.47
C VAL B 53 -6.30 10.35 -22.48
N HIS B 54 -5.96 11.42 -21.76
CA HIS B 54 -4.55 11.84 -21.64
C HIS B 54 -3.70 10.86 -20.84
N MET B 55 -4.34 10.21 -19.85
CA MET B 55 -3.67 9.14 -19.08
C MET B 55 -3.21 7.99 -19.97
N ILE B 56 -4.03 7.61 -20.95
CA ILE B 56 -3.64 6.54 -21.90
C ILE B 56 -2.40 6.96 -22.71
N ASN B 57 -2.41 8.19 -23.24
CA ASN B 57 -1.23 8.76 -23.89
C ASN B 57 0.00 8.74 -23.03
N TRP B 58 -0.17 9.18 -21.78
CA TRP B 58 0.91 9.21 -20.84
C TRP B 58 1.46 7.79 -20.62
N ALA B 59 0.55 6.85 -20.35
CA ALA B 59 0.96 5.47 -20.05
C ALA B 59 1.73 4.84 -21.21
N LYS B 60 1.28 5.06 -22.43
CA LYS B 60 1.98 4.57 -23.62
C LYS B 60 3.40 5.15 -23.79
N ARG B 61 3.70 6.26 -23.11
CA ARG B 61 5.05 6.86 -23.12
C ARG B 61 5.96 6.54 -21.92
N VAL B 62 5.42 5.85 -20.90
CA VAL B 62 6.19 5.37 -19.76
C VAL B 62 7.10 4.28 -20.32
N PRO B 63 8.43 4.47 -20.21
CA PRO B 63 9.35 3.49 -20.79
C PRO B 63 9.07 2.08 -20.27
N GLY B 64 8.90 1.15 -21.20
CA GLY B 64 8.67 -0.26 -20.88
C GLY B 64 7.23 -0.72 -20.95
N PHE B 65 6.29 0.22 -20.93
CA PHE B 65 4.86 -0.10 -20.89
C PHE B 65 4.34 -0.61 -22.24
N VAL B 66 4.69 0.06 -23.35
CA VAL B 66 4.36 -0.42 -24.72
C VAL B 66 4.91 -1.80 -25.08
N ASP B 67 5.95 -2.25 -24.37
CA ASP B 67 6.55 -3.59 -24.56
C ASP B 67 5.69 -4.72 -24.00
N LEU B 68 4.74 -4.37 -23.14
CA LEU B 68 3.81 -5.34 -22.59
C LEU B 68 2.74 -5.71 -23.60
N THR B 69 2.18 -6.91 -23.46
CA THR B 69 1.01 -7.35 -24.24
C THR B 69 -0.15 -6.40 -23.93
N LEU B 70 -1.04 -6.24 -24.91
CA LEU B 70 -2.21 -5.42 -24.75
C LEU B 70 -3.03 -5.80 -23.51
N HIS B 71 -3.31 -7.10 -23.31
CA HIS B 71 -4.03 -7.54 -22.11
C HIS B 71 -3.36 -7.08 -20.79
N ASP B 72 -2.04 -7.17 -20.74
CA ASP B 72 -1.30 -6.77 -19.53
C ASP B 72 -1.39 -5.25 -19.29
N GLN B 73 -1.32 -4.48 -20.38
CA GLN B 73 -1.47 -3.04 -20.30
C GLN B 73 -2.87 -2.65 -19.74
N VAL B 74 -3.91 -3.34 -20.21
CA VAL B 74 -5.27 -3.03 -19.77
C VAL B 74 -5.39 -3.38 -18.29
N HIS B 75 -4.81 -4.51 -17.90
CA HIS B 75 -4.89 -4.98 -16.51
C HIS B 75 -4.25 -3.92 -15.59
N LEU B 76 -3.06 -3.47 -15.94
CA LEU B 76 -2.35 -2.44 -15.17
C LEU B 76 -3.11 -1.14 -15.08
N LEU B 77 -3.65 -0.69 -16.20
CA LEU B 77 -4.44 0.55 -16.19
C LEU B 77 -5.76 0.45 -15.40
N GLU B 78 -6.45 -0.70 -15.50
CA GLU B 78 -7.71 -0.91 -14.80
C GLU B 78 -7.43 -0.86 -13.29
N SER B 79 -6.29 -1.42 -12.89
CA SER B 79 -5.94 -1.45 -11.46
C SER B 79 -5.48 -0.07 -10.94
N ALA B 80 -4.84 0.71 -11.82
CA ALA B 80 -4.15 1.93 -11.39
C ALA B 80 -4.87 3.26 -11.66
N TRP B 81 -5.91 3.24 -12.50
CA TRP B 81 -6.44 4.51 -13.04
C TRP B 81 -6.84 5.51 -11.94
N LEU B 82 -7.53 5.03 -10.90
CA LEU B 82 -7.97 5.98 -9.86
C LEU B 82 -6.80 6.45 -9.00
N GLU B 83 -5.87 5.54 -8.67
CA GLU B 83 -4.62 5.98 -8.01
C GLU B 83 -3.85 7.04 -8.80
N ILE B 84 -3.86 6.91 -10.11
CA ILE B 84 -3.13 7.86 -10.97
C ILE B 84 -3.83 9.23 -11.00
N LEU B 85 -5.15 9.24 -11.07
CA LEU B 85 -5.89 10.47 -10.98
C LEU B 85 -5.66 11.11 -9.63
N MET B 86 -5.68 10.29 -8.59
CA MET B 86 -5.50 10.84 -7.24
C MET B 86 -4.12 11.38 -6.96
N ILE B 87 -3.06 10.67 -7.35
CA ILE B 87 -1.71 11.18 -7.13
C ILE B 87 -1.53 12.52 -7.89
N GLY B 88 -2.10 12.59 -9.10
CA GLY B 88 -2.09 13.84 -9.89
C GLY B 88 -2.74 15.01 -9.15
N LEU B 89 -3.89 14.74 -8.56
CA LEU B 89 -4.68 15.70 -7.81
C LEU B 89 -3.93 16.19 -6.58
N VAL B 90 -3.37 15.25 -5.84
CA VAL B 90 -2.63 15.54 -4.62
C VAL B 90 -1.37 16.36 -4.89
N TRP B 91 -0.71 16.07 -6.01
CA TRP B 91 0.46 16.83 -6.48
C TRP B 91 0.12 18.28 -6.83
N ARG B 92 -0.95 18.49 -7.62
CA ARG B 92 -1.45 19.83 -8.01
C ARG B 92 -1.83 20.65 -6.81
N SER B 93 -2.28 19.97 -5.76
CA SER B 93 -2.92 20.59 -4.60
C SER B 93 -1.94 20.96 -3.50
N MET B 94 -0.69 20.55 -3.69
CA MET B 94 0.36 20.70 -2.70
C MET B 94 0.49 22.12 -2.16
N GLU B 95 0.42 23.09 -3.08
CA GLU B 95 0.61 24.50 -2.73
C GLU B 95 -0.67 25.21 -2.25
N HIS B 96 -1.75 24.46 -2.09
CA HIS B 96 -3.03 25.00 -1.63
C HIS B 96 -3.58 24.29 -0.37
N PRO B 97 -3.03 24.59 0.83
CA PRO B 97 -3.54 23.97 2.07
C PRO B 97 -5.05 24.10 2.27
N GLY B 98 -5.70 22.97 2.57
CA GLY B 98 -7.14 22.92 2.81
C GLY B 98 -7.98 22.79 1.56
N LYS B 99 -7.32 22.87 0.39
CA LYS B 99 -8.02 22.86 -0.89
C LYS B 99 -7.54 21.74 -1.83
N LEU B 100 -8.45 21.26 -2.67
CA LEU B 100 -8.08 20.32 -3.72
C LEU B 100 -8.27 21.05 -5.05
N LEU B 101 -7.17 21.15 -5.78
CA LEU B 101 -7.09 21.79 -7.11
C LEU B 101 -7.37 20.75 -8.20
N PHE B 102 -8.63 20.47 -8.40
CA PHE B 102 -9.06 19.58 -9.47
C PHE B 102 -8.68 20.18 -10.82
N ALA B 103 -8.80 21.50 -10.91
CA ALA B 103 -8.50 22.24 -12.13
C ALA B 103 -8.16 23.67 -11.69
N PRO B 104 -7.39 24.46 -12.50
CA PRO B 104 -7.12 25.87 -12.12
C PRO B 104 -8.40 26.68 -11.82
N ASN B 105 -9.50 26.32 -12.48
CA ASN B 105 -10.80 26.94 -12.25
C ASN B 105 -11.76 26.08 -11.42
N LEU B 106 -11.21 25.12 -10.68
CA LEU B 106 -11.99 24.27 -9.80
C LEU B 106 -11.18 23.88 -8.55
N LEU B 107 -11.05 24.86 -7.66
CA LEU B 107 -10.30 24.70 -6.42
C LEU B 107 -11.31 24.56 -5.30
N LEU B 108 -11.43 23.35 -4.75
CA LEU B 108 -12.49 23.00 -3.81
C LEU B 108 -11.99 22.73 -2.38
N ASP B 109 -12.68 23.28 -1.38
CA ASP B 109 -12.33 23.02 0.04
C ASP B 109 -13.16 21.88 0.65
N ARG B 110 -12.84 21.47 1.88
CA ARG B 110 -13.46 20.31 2.53
C ARG B 110 -14.97 20.44 2.78
N ASN B 111 -15.44 21.66 3.02
CA ASN B 111 -16.87 21.96 3.17
C ASN B 111 -17.68 21.63 1.92
N GLN B 112 -17.09 21.95 0.76
CA GLN B 112 -17.69 21.64 -0.54
C GLN B 112 -17.80 20.13 -0.83
N GLY B 113 -16.88 19.35 -0.25
CA GLY B 113 -16.91 17.88 -0.34
C GLY B 113 -18.12 17.25 0.35
N LYS B 114 -18.59 17.91 1.42
CA LYS B 114 -19.75 17.44 2.20
C LYS B 114 -21.08 17.46 1.43
N SER B 115 -21.08 18.07 0.24
CA SER B 115 -22.27 18.17 -0.63
C SER B 115 -22.77 16.81 -1.09
N VAL B 116 -21.83 15.96 -1.53
CA VAL B 116 -22.11 14.58 -1.89
C VAL B 116 -22.03 13.72 -0.63
N GLU B 117 -22.94 12.77 -0.51
CA GLU B 117 -22.97 11.84 0.63
C GLU B 117 -21.81 10.85 0.53
N GLY B 118 -20.99 10.79 1.59
CA GLY B 118 -19.86 9.85 1.68
C GLY B 118 -18.54 10.30 1.07
N MET B 119 -18.55 11.48 0.44
CA MET B 119 -17.38 12.03 -0.24
C MET B 119 -16.35 12.72 0.66
N VAL B 120 -16.81 13.24 1.79
CA VAL B 120 -15.97 14.07 2.66
C VAL B 120 -14.82 13.27 3.30
N GLU B 121 -15.06 11.98 3.54
CA GLU B 121 -14.02 11.07 4.05
C GLU B 121 -12.85 10.97 3.07
N ILE B 122 -13.18 10.82 1.78
CA ILE B 122 -12.22 10.76 0.67
C ILE B 122 -11.52 12.11 0.51
N PHE B 123 -12.27 13.20 0.59
CA PHE B 123 -11.72 14.54 0.54
C PHE B 123 -10.64 14.75 1.61
N ASP B 124 -10.94 14.33 2.84
CA ASP B 124 -10.04 14.51 3.98
C ASP B 124 -8.76 13.72 3.82
N MET B 125 -8.89 12.49 3.34
CA MET B 125 -7.75 11.68 2.97
C MET B 125 -6.84 12.31 1.90
N LEU B 126 -7.43 12.86 0.84
CA LEU B 126 -6.65 13.50 -0.20
C LEU B 126 -5.92 14.73 0.31
N LEU B 127 -6.62 15.56 1.07
CA LEU B 127 -6.03 16.74 1.71
C LEU B 127 -4.85 16.40 2.59
N ALA B 128 -5.02 15.35 3.40
CA ALA B 128 -3.94 14.85 4.25
C ALA B 128 -2.71 14.36 3.47
N THR B 129 -2.94 13.73 2.31
CA THR B 129 -1.85 13.28 1.44
C THR B 129 -1.11 14.47 0.81
N SER B 130 -1.89 15.42 0.32
CA SER B 130 -1.36 16.66 -0.20
C SER B 130 -0.46 17.35 0.82
N SER B 131 -0.94 17.42 2.06
CA SER B 131 -0.20 18.03 3.17
C SER B 131 1.13 17.29 3.46
N ARG B 132 1.06 15.96 3.49
CA ARG B 132 2.25 15.12 3.64
C ARG B 132 3.27 15.34 2.54
N PHE B 133 2.84 15.33 1.27
CA PHE B 133 3.76 15.64 0.19
C PHE B 133 4.40 17.03 0.28
N ARG B 134 3.63 18.02 0.73
CA ARG B 134 4.13 19.38 0.94
C ARG B 134 5.20 19.38 2.05
N MET B 135 4.93 18.65 3.12
CA MET B 135 5.80 18.59 4.30
C MET B 135 7.10 17.83 4.01
N MET B 136 7.08 17.00 2.96
CA MET B 136 8.24 16.29 2.45
C MET B 136 8.99 17.04 1.36
N ASN B 137 8.39 18.15 0.90
CA ASN B 137 8.90 18.94 -0.23
C ASN B 137 9.16 18.08 -1.48
N LEU B 138 8.15 17.28 -1.84
CA LEU B 138 8.18 16.43 -3.04
C LEU B 138 8.54 17.24 -4.28
N GLN B 139 9.48 16.72 -5.05
CA GLN B 139 9.95 17.34 -6.29
C GLN B 139 9.23 16.81 -7.52
N GLY B 140 9.17 17.62 -8.58
CA GLY B 140 8.57 17.19 -9.85
C GLY B 140 9.10 15.88 -10.42
N GLU B 141 10.42 15.73 -10.37
CA GLU B 141 11.14 14.55 -10.85
C GLU B 141 10.83 13.30 -10.04
N GLU B 142 10.69 13.46 -8.73
CA GLU B 142 10.22 12.37 -7.85
C GLU B 142 8.76 11.98 -8.12
N PHE B 143 7.88 12.97 -8.22
CA PHE B 143 6.45 12.75 -8.53
C PHE B 143 6.26 11.89 -9.77
N VAL B 144 6.93 12.22 -10.87
CA VAL B 144 6.76 11.42 -12.11
C VAL B 144 7.24 9.96 -11.93
N CYS B 145 8.24 9.75 -11.09
CA CYS B 145 8.71 8.41 -10.80
C CYS B 145 7.66 7.64 -10.03
N LEU B 146 7.07 8.29 -9.04
CA LEU B 146 6.00 7.68 -8.20
C LEU B 146 4.78 7.35 -9.01
N LYS B 147 4.40 8.26 -9.90
CA LYS B 147 3.25 8.01 -10.78
C LYS B 147 3.49 6.78 -11.69
N SER B 148 4.71 6.66 -12.23
CA SER B 148 5.05 5.48 -13.04
C SER B 148 5.08 4.18 -12.23
N ILE B 149 5.58 4.26 -11.00
CA ILE B 149 5.55 3.14 -10.05
C ILE B 149 4.11 2.64 -9.81
N ILE B 150 3.17 3.56 -9.58
CA ILE B 150 1.75 3.17 -9.41
C ILE B 150 1.24 2.37 -10.64
N LEU B 151 1.51 2.90 -11.82
CA LEU B 151 1.08 2.24 -13.06
C LEU B 151 1.61 0.82 -13.18
N LEU B 152 2.88 0.63 -12.86
CA LEU B 152 3.49 -0.67 -13.03
C LEU B 152 3.25 -1.64 -11.87
N ASN B 153 3.03 -1.11 -10.66
CA ASN B 153 2.95 -1.92 -9.43
C ASN B 153 1.53 -2.27 -9.04
N SER B 154 0.58 -1.38 -9.33
CA SER B 154 -0.76 -1.52 -8.76
C SER B 154 -1.40 -2.88 -9.10
N GLY B 155 -1.27 -3.30 -10.34
CA GLY B 155 -1.90 -4.55 -10.75
C GLY B 155 -0.95 -5.72 -10.92
N VAL B 156 0.29 -5.59 -10.45
CA VAL B 156 1.30 -6.61 -10.75
C VAL B 156 1.09 -7.90 -9.95
N TYR B 157 0.42 -7.80 -8.79
CA TYR B 157 0.18 -8.98 -7.93
C TYR B 157 -1.23 -9.54 -8.07
N THR B 158 -1.95 -9.05 -9.07
CA THR B 158 -3.33 -9.52 -9.30
C THR B 158 -3.55 -10.10 -10.70
N PHE B 159 -2.46 -10.36 -11.44
CA PHE B 159 -2.55 -11.12 -12.68
C PHE B 159 -3.04 -12.53 -12.37
N LEU B 160 -3.93 -13.05 -13.21
CA LEU B 160 -4.48 -14.39 -13.00
C LEU B 160 -3.41 -15.47 -13.19
N SER B 161 -2.62 -15.34 -14.25
CA SER B 161 -1.57 -16.30 -14.57
C SER B 161 -0.34 -16.15 -13.66
N SER B 162 -0.18 -17.09 -12.72
CA SER B 162 1.03 -17.21 -11.90
C SER B 162 2.16 -17.82 -12.73
N THR B 163 1.87 -18.93 -13.40
CA THR B 163 2.86 -19.61 -14.23
C THR B 163 2.20 -20.57 -15.21
N LEU B 164 2.00 -20.09 -16.44
CA LEU B 164 1.37 -20.90 -17.48
C LEU B 164 1.93 -20.55 -18.86
N LYS B 165 3.26 -20.52 -18.96
CA LYS B 165 3.93 -20.20 -20.21
C LYS B 165 5.36 -20.74 -20.31
N SER B 166 6.33 -20.05 -19.71
CA SER B 166 6.32 -19.64 -18.31
C SER B 166 6.31 -18.12 -18.17
N LEU B 167 5.88 -17.64 -17.01
CA LEU B 167 5.81 -16.21 -16.75
C LEU B 167 7.17 -15.55 -17.00
N GLU B 168 7.33 -14.99 -18.20
CA GLU B 168 8.57 -14.32 -18.57
C GLU B 168 8.37 -12.81 -18.68
N GLU B 169 7.14 -12.36 -18.46
CA GLU B 169 6.81 -10.94 -18.53
C GLU B 169 6.80 -10.31 -17.14
N LYS B 170 6.42 -11.09 -16.14
CA LYS B 170 6.37 -10.61 -14.77
C LYS B 170 7.71 -10.01 -14.35
N ASP B 171 8.79 -10.75 -14.59
CA ASP B 171 10.13 -10.30 -14.23
C ASP B 171 10.46 -8.98 -14.93
N HIS B 172 9.96 -8.82 -16.14
CA HIS B 172 10.21 -7.59 -16.93
C HIS B 172 9.63 -6.35 -16.25
N ILE B 173 8.40 -6.44 -15.74
CA ILE B 173 7.75 -5.32 -15.03
C ILE B 173 8.58 -4.93 -13.79
N HIS B 174 9.07 -5.94 -13.09
CA HIS B 174 9.91 -5.75 -11.91
C HIS B 174 11.26 -5.12 -12.22
N ARG B 175 11.80 -5.42 -13.40
CA ARG B 175 13.06 -4.80 -13.86
C ARG B 175 12.89 -3.31 -14.07
N VAL B 176 11.78 -2.92 -14.70
CA VAL B 176 11.42 -1.50 -14.87
C VAL B 176 11.24 -0.83 -13.50
N LEU B 177 10.60 -1.53 -12.56
CA LEU B 177 10.37 -1.00 -11.23
C LEU B 177 11.67 -0.76 -10.49
N ASP B 178 12.59 -1.72 -10.61
CA ASP B 178 13.95 -1.58 -10.07
C ASP B 178 14.64 -0.37 -10.69
N LYS B 179 14.40 -0.16 -11.99
CA LYS B 179 14.98 0.96 -12.73
C LYS B 179 14.44 2.33 -12.26
N ILE B 180 13.14 2.39 -11.95
CA ILE B 180 12.57 3.62 -11.38
C ILE B 180 13.10 3.91 -9.96
N THR B 181 13.25 2.86 -9.13
CA THR B 181 13.90 2.97 -7.82
C THR B 181 15.29 3.63 -7.97
N ASP B 182 16.12 3.06 -8.86
CA ASP B 182 17.45 3.58 -9.18
C ASP B 182 17.38 5.08 -9.49
N THR B 183 16.42 5.43 -10.34
CA THR B 183 16.17 6.80 -10.79
C THR B 183 15.76 7.70 -9.60
N LEU B 184 14.90 7.21 -8.71
CA LEU B 184 14.57 7.93 -7.47
C LEU B 184 15.80 8.22 -6.58
N ILE B 185 16.62 7.20 -6.37
CA ILE B 185 17.85 7.32 -5.61
C ILE B 185 18.82 8.30 -6.27
N HIS B 186 18.92 8.22 -7.61
CA HIS B 186 19.80 9.12 -8.38
C HIS B 186 19.41 10.58 -8.17
N LEU B 187 18.10 10.86 -8.19
CA LEU B 187 17.57 12.20 -7.91
C LEU B 187 17.94 12.73 -6.53
N MET B 188 17.85 11.86 -5.52
CA MET B 188 18.19 12.22 -4.15
C MET B 188 19.69 12.46 -3.95
N ALA B 189 20.52 11.66 -4.63
CA ALA B 189 21.97 11.83 -4.61
C ALA B 189 22.33 13.17 -5.28
N LYS B 190 21.67 13.46 -6.40
CA LYS B 190 21.82 14.73 -7.12
C LYS B 190 21.53 15.92 -6.20
N ALA B 191 20.46 15.81 -5.41
CA ALA B 191 20.07 16.84 -4.43
C ALA B 191 20.95 16.84 -3.15
N GLY B 192 21.93 15.95 -3.10
CA GLY B 192 22.96 15.97 -2.04
C GLY B 192 22.63 15.30 -0.73
N LEU B 193 21.61 14.43 -0.72
CA LEU B 193 21.26 13.65 0.46
C LEU B 193 22.35 12.62 0.77
N THR B 194 22.64 12.42 2.06
CA THR B 194 23.58 11.39 2.53
C THR B 194 22.99 10.01 2.18
N LEU B 195 23.82 8.96 2.25
CA LEU B 195 23.33 7.59 1.95
C LEU B 195 22.19 7.15 2.86
N GLN B 196 22.32 7.44 4.15
CA GLN B 196 21.26 7.19 5.12
C GLN B 196 19.97 7.96 4.78
N GLN B 197 20.11 9.24 4.45
CA GLN B 197 18.96 10.07 4.10
C GLN B 197 18.25 9.59 2.82
N GLN B 198 19.02 9.00 1.92
CA GLN B 198 18.48 8.46 0.66
C GLN B 198 17.51 7.29 0.89
N HIS B 199 17.90 6.31 1.70
CA HIS B 199 17.00 5.18 1.96
C HIS B 199 15.79 5.59 2.80
N GLN B 200 15.99 6.53 3.72
CA GLN B 200 14.88 7.07 4.50
C GLN B 200 13.82 7.78 3.65
N ARG B 201 14.27 8.64 2.72
CA ARG B 201 13.35 9.37 1.83
C ARG B 201 12.65 8.41 0.89
N LEU B 202 13.40 7.44 0.37
CA LEU B 202 12.84 6.42 -0.52
C LEU B 202 11.70 5.69 0.18
N ALA B 203 11.96 5.25 1.40
CA ALA B 203 10.94 4.59 2.20
C ALA B 203 9.73 5.46 2.45
N GLN B 204 9.95 6.72 2.84
N GLN B 204 9.93 6.69 2.90
CA GLN B 204 8.83 7.63 3.18
CA GLN B 204 8.79 7.57 3.18
C GLN B 204 7.90 7.83 1.99
C GLN B 204 7.89 7.70 1.95
N LEU B 205 8.51 7.98 0.81
CA LEU B 205 7.79 8.09 -0.47
C LEU B 205 6.95 6.86 -0.81
N LEU B 206 7.58 5.68 -0.76
CA LEU B 206 6.90 4.42 -1.09
C LEU B 206 5.82 4.06 -0.06
N LEU B 207 6.00 4.47 1.19
CA LEU B 207 4.94 4.26 2.19
C LEU B 207 3.70 5.10 1.92
N ILE B 208 3.86 6.29 1.33
CA ILE B 208 2.68 7.08 0.93
C ILE B 208 1.86 6.35 -0.15
N LEU B 209 2.52 5.51 -0.95
CA LEU B 209 1.81 4.76 -1.99
C LEU B 209 0.76 3.77 -1.44
N SER B 210 1.02 3.22 -0.25
CA SER B 210 0.02 2.46 0.51
C SER B 210 -1.23 3.26 0.81
N HIS B 211 -1.05 4.54 1.15
CA HIS B 211 -2.19 5.39 1.47
C HIS B 211 -2.99 5.76 0.21
N ILE B 212 -2.27 5.98 -0.90
CA ILE B 212 -2.90 6.22 -2.21
C ILE B 212 -3.72 5.00 -2.63
N ARG B 213 -3.16 3.80 -2.45
CA ARG B 213 -3.94 2.57 -2.69
C ARG B 213 -5.22 2.52 -1.86
N HIS B 214 -5.09 2.85 -0.57
CA HIS B 214 -6.24 2.86 0.34
C HIS B 214 -7.33 3.79 -0.15
N MET B 215 -6.93 5.00 -0.49
CA MET B 215 -7.86 6.03 -0.95
C MET B 215 -8.56 5.58 -2.22
N SER B 216 -7.81 4.96 -3.13
CA SER B 216 -8.39 4.44 -4.38
C SER B 216 -9.41 3.35 -4.08
N ASN B 217 -9.10 2.45 -3.13
CA ASN B 217 -10.05 1.41 -2.74
C ASN B 217 -11.34 1.99 -2.17
N LYS B 218 -11.22 3.02 -1.33
CA LYS B 218 -12.39 3.68 -0.71
C LYS B 218 -13.21 4.43 -1.78
N GLY B 219 -12.48 5.04 -2.72
CA GLY B 219 -13.09 5.74 -3.87
C GLY B 219 -13.89 4.79 -4.75
N MET B 220 -13.30 3.65 -5.08
CA MET B 220 -14.01 2.59 -5.82
C MET B 220 -15.29 2.15 -5.13
N GLU B 221 -15.23 1.94 -3.81
CA GLU B 221 -16.42 1.61 -3.03
C GLU B 221 -17.51 2.66 -3.21
N HIS B 222 -17.14 3.93 -3.10
CA HIS B 222 -18.05 5.06 -3.29
C HIS B 222 -18.65 5.10 -4.69
N LEU B 223 -17.81 5.02 -5.72
CA LEU B 223 -18.28 5.00 -7.11
C LEU B 223 -19.27 3.85 -7.38
N TYR B 224 -19.04 2.69 -6.76
CA TYR B 224 -19.97 1.56 -6.87
C TYR B 224 -21.30 1.73 -6.10
N SER B 225 -21.38 2.77 -5.27
CA SER B 225 -22.61 3.11 -4.53
C SER B 225 -23.51 4.10 -5.29
N MET B 226 -23.06 4.54 -6.47
CA MET B 226 -23.71 5.61 -7.23
C MET B 226 -24.40 5.11 -8.51
N VAL B 231 -19.17 6.03 -15.44
CA VAL B 231 -18.86 5.64 -14.07
C VAL B 231 -17.43 5.04 -14.00
N VAL B 232 -17.32 3.79 -13.52
CA VAL B 232 -16.05 3.08 -13.50
C VAL B 232 -15.75 2.65 -14.95
N PRO B 233 -14.54 2.96 -15.47
CA PRO B 233 -14.18 2.47 -16.81
C PRO B 233 -13.97 0.96 -16.83
N SER B 234 -14.74 0.28 -17.69
CA SER B 234 -14.68 -1.17 -17.82
C SER B 234 -13.37 -1.58 -18.47
N TYR B 235 -13.01 -2.85 -18.30
CA TYR B 235 -11.90 -3.47 -19.02
C TYR B 235 -12.05 -3.25 -20.54
N ASP B 236 -13.25 -3.54 -21.07
CA ASP B 236 -13.48 -3.40 -22.50
C ASP B 236 -13.29 -1.98 -22.99
N LEU B 237 -13.72 -0.99 -22.20
CA LEU B 237 -13.53 0.41 -22.57
C LEU B 237 -12.05 0.80 -22.58
N LEU B 238 -11.31 0.41 -21.53
CA LEU B 238 -9.86 0.65 -21.50
C LEU B 238 -9.11 -0.04 -22.61
N LEU B 239 -9.55 -1.25 -22.98
CA LEU B 239 -8.96 -1.96 -24.14
C LEU B 239 -9.19 -1.19 -25.44
N GLU B 240 -10.44 -0.80 -25.69
CA GLU B 240 -10.77 -0.03 -26.90
C GLU B 240 -9.91 1.24 -26.94
N MET B 241 -9.83 1.95 -25.81
CA MET B 241 -9.04 3.17 -25.70
C MET B 241 -7.53 3.00 -25.96
N LEU B 242 -6.93 1.95 -25.40
CA LEU B 242 -5.50 1.65 -25.58
C LEU B 242 -5.14 1.14 -26.96
N ASP B 243 -6.06 0.39 -27.55
CA ASP B 243 -5.86 -0.15 -28.90
C ASP B 243 -6.05 0.93 -29.95
N ALA B 244 -7.12 1.72 -29.80
CA ALA B 244 -7.40 2.86 -30.68
C ALA B 244 -6.37 3.99 -30.57
N HIS B 245 -5.46 3.89 -29.60
CA HIS B 245 -4.29 4.77 -29.50
C HIS B 245 -3.26 4.50 -30.60
N ARG B 246 -3.13 3.24 -30.98
CA ARG B 246 -2.26 2.81 -32.10
C ARG B 246 -2.65 3.45 -33.43
N LEU B 247 -3.92 3.82 -33.56
CA LEU B 247 -4.44 4.50 -34.75
C LEU B 247 -4.73 6.02 -34.55
N HIS B 248 -4.32 6.58 -33.42
CA HIS B 248 -4.49 8.02 -33.12
C HIS B 248 -3.62 8.91 -34.00
C1 H09 C . -10.91 -13.07 9.67
C2 H09 C . -11.99 -12.79 10.51
C3 H09 C . -13.19 -13.49 10.42
C7 H09 C . -9.89 -14.47 7.76
C8 H09 C . -8.61 -14.73 8.51
C9 H09 C . -7.36 -14.35 8.11
C10 H09 C . -6.45 -14.81 9.12
C11 H09 C . -5.07 -14.74 9.27
C12 H09 C . -4.48 -15.32 10.40
C13 H09 C . -5.25 -15.94 11.37
C14 H09 C . -6.62 -16.04 11.23
C15 H09 C . -7.21 -15.48 10.09
C16 H09 C . -7.13 -13.61 6.84
C19 H09 C . -11.17 -11.98 5.59
C20 H09 C . -12.48 -11.99 4.83
C21 H09 C . -8.30 -15.02 5.09
C22 H09 C . -12.77 -11.43 12.34
C24 H09 C . -13.02 -9.97 15.52
F3 H09 C . -12.75 -10.38 18.48
C26 H09 C . -12.74 -9.14 17.88
C25 H09 C . -12.14 -9.23 16.48
N2 H09 C . -12.28 -10.90 14.66
C23 H09 C . -12.15 -10.44 13.28
O1 H09 C . -11.75 -11.79 11.42
C4 H09 C . -13.33 -14.49 9.49
C5 H09 C . -12.27 -14.75 8.65
F2 H09 C . -12.43 -15.73 7.71
C6 H09 C . -11.06 -14.08 8.69
C H09 C . -9.66 -12.24 9.80
N1 H09 C . -9.61 -13.53 6.66
C18 H09 C . -10.77 -13.42 5.76
F H09 C . -11.30 -11.32 6.78
F1 H09 C . -10.21 -11.26 4.90
O H09 C . -12.65 -10.80 4.11
C17 H09 C . -8.34 -13.73 5.91
N H09 C . -8.54 -15.42 9.72
C1 H09 D . -14.01 10.56 -10.15
C2 H09 D . -14.97 10.06 -11.05
C3 H09 D . -16.29 10.49 -11.01
C7 H09 D . -13.39 12.19 -8.23
C8 H09 D . -12.24 12.83 -8.95
C9 H09 D . -10.93 12.72 -8.60
C10 H09 D . -10.17 13.43 -9.58
C11 H09 D . -8.81 13.69 -9.78
C12 H09 D . -8.39 14.44 -10.87
C13 H09 D . -9.32 14.93 -11.79
C14 H09 D . -10.68 14.66 -11.64
C15 H09 D . -11.08 13.92 -10.54
C16 H09 D . -10.50 12.00 -7.35
C19 H09 D . -13.95 9.38 -6.01
C20 H09 D . -15.09 9.04 -5.09
C21 H09 D . -11.94 13.03 -5.55
C22 H09 D . -15.37 8.59 -12.94
C24 H09 D . -14.18 7.46 -16.31
F3 H09 D . -15.68 7.20 -18.98
C26 H09 D . -15.89 6.39 -17.89
C25 H09 D . -14.58 6.24 -17.11
N2 H09 D . -15.12 7.76 -15.24
C23 H09 D . -14.56 8.62 -14.19
O1 H09 D . -14.50 9.12 -11.92
C4 H09 D . -16.67 11.45 -10.09
C5 H09 D . -15.72 11.94 -9.23
F2 H09 D . -16.11 12.86 -8.30
C6 H09 D . -14.39 11.52 -9.20
C H09 D . -12.60 10.02 -10.23
N1 H09 D . -12.89 11.32 -7.14
C18 H09 D . -13.98 10.87 -6.27
F H09 D . -14.03 8.66 -7.18
F1 H09 D . -12.75 8.99 -5.45
O H09 D . -15.50 7.70 -5.29
C17 H09 D . -11.70 11.80 -6.42
N H09 D . -12.36 13.54 -10.12
#